data_5ZNG
#
_entry.id   5ZNG
#
_cell.length_a   66.721
_cell.length_b   66.721
_cell.length_c   108.328
_cell.angle_alpha   90.00
_cell.angle_beta   90.00
_cell.angle_gamma   120.00
#
_symmetry.space_group_name_H-M   'P 31 2 1'
#
loop_
_entity.id
_entity.type
_entity.pdbx_description
1 polymer 'NBS-LRR type protein'
2 polymer AVR1-CO39
3 water water
#
loop_
_entity_poly.entity_id
_entity_poly.type
_entity_poly.pdbx_seq_one_letter_code
_entity_poly.pdbx_strand_id
1 'polypeptide(L)'
;MDLSNMESVVESALTGQRTKIVVKVHMPCGKSRAKAMALAASVNGVDSVEITGEDKDRLVVVGRGIDPVRLVALLREKCG
LAELLMVELVEKEKTQLAGGKKGAYKKHPTYNLSPFDYVEYPPSAPIMQDINPCSTM
;
A
2 'polypeptide(L)' MAWKDCIIQRYKDGDVNNIYTANRNEEITIEEYKVFVNEACHPYPVILPDRSVLSGDFTSAYADDDESCYRHHHHHH C
#
# COMPACT_ATOMS: atom_id res chain seq x y z
N SER A 12 -8.22 15.42 -11.10
CA SER A 12 -8.91 14.22 -11.57
C SER A 12 -10.31 14.11 -10.96
N ALA A 13 -10.97 12.96 -11.15
CA ALA A 13 -12.36 12.78 -10.72
C ALA A 13 -12.49 12.52 -9.21
N LEU A 14 -11.42 12.06 -8.56
CA LEU A 14 -11.45 11.78 -7.13
C LEU A 14 -10.56 12.73 -6.33
N THR A 15 -10.29 13.93 -6.85
CA THR A 15 -9.50 14.91 -6.13
C THR A 15 -10.18 15.31 -4.82
N GLY A 16 -9.42 15.21 -3.72
CA GLY A 16 -9.90 15.55 -2.40
C GLY A 16 -10.71 14.48 -1.69
N GLN A 17 -11.11 13.41 -2.37
CA GLN A 17 -11.96 12.38 -1.81
C GLN A 17 -11.14 11.19 -1.33
N ARG A 18 -11.51 10.68 -0.15
CA ARG A 18 -10.97 9.44 0.38
C ARG A 18 -11.67 8.27 -0.29
N THR A 19 -10.93 7.49 -1.07
CA THR A 19 -11.46 6.36 -1.82
C THR A 19 -10.78 5.05 -1.43
N LYS A 20 -11.55 3.99 -1.51
CA LYS A 20 -11.08 2.61 -1.53
C LYS A 20 -11.24 2.11 -2.97
N ILE A 21 -10.15 1.58 -3.53
CA ILE A 21 -10.10 1.17 -4.93
C ILE A 21 -9.68 -0.30 -4.96
N VAL A 22 -10.47 -1.15 -5.61
CA VAL A 22 -10.18 -2.58 -5.64
C VAL A 22 -9.76 -2.95 -7.06
N VAL A 23 -8.57 -3.56 -7.20
CA VAL A 23 -8.02 -3.97 -8.49
C VAL A 23 -7.70 -5.46 -8.44
N LYS A 24 -8.19 -6.22 -9.42
CA LYS A 24 -7.75 -7.60 -9.59
C LYS A 24 -6.47 -7.58 -10.41
N VAL A 25 -5.41 -8.19 -9.88
CA VAL A 25 -4.07 -8.17 -10.48
C VAL A 25 -3.56 -9.61 -10.60
N HIS A 26 -2.87 -9.91 -11.69
CA HIS A 26 -2.17 -11.18 -11.82
C HIS A 26 -0.93 -11.20 -10.91
N MET A 27 -0.99 -11.96 -9.81
CA MET A 27 0.09 -12.02 -8.84
C MET A 27 0.17 -13.44 -8.28
N PRO A 28 0.64 -14.40 -9.08
CA PRO A 28 0.52 -15.81 -8.67
C PRO A 28 1.47 -16.27 -7.58
N CYS A 29 2.38 -15.44 -7.07
CA CYS A 29 3.28 -15.86 -6.01
C CYS A 29 3.61 -14.69 -5.11
N GLY A 30 4.34 -14.98 -4.02
CA GLY A 30 4.66 -13.95 -3.03
C GLY A 30 5.55 -12.85 -3.57
N LYS A 31 6.45 -13.19 -4.49
CA LYS A 31 7.32 -12.19 -5.10
C LYS A 31 6.49 -11.19 -5.91
N SER A 32 5.57 -11.69 -6.73
CA SER A 32 4.80 -10.77 -7.55
C SER A 32 3.78 -9.99 -6.72
N ARG A 33 3.29 -10.57 -5.61
CA ARG A 33 2.40 -9.83 -4.71
C ARG A 33 3.13 -8.68 -4.05
N ALA A 34 4.36 -8.91 -3.59
CA ALA A 34 5.16 -7.83 -3.01
C ALA A 34 5.42 -6.74 -4.04
N LYS A 35 5.73 -7.14 -5.28
CA LYS A 35 6.00 -6.18 -6.34
C LYS A 35 4.76 -5.35 -6.65
N ALA A 36 3.59 -6.00 -6.77
CA ALA A 36 2.38 -5.28 -7.12
C ALA A 36 1.97 -4.32 -6.01
N MET A 37 2.10 -4.73 -4.75
CA MET A 37 1.76 -3.81 -3.66
C MET A 37 2.65 -2.59 -3.68
N ALA A 38 3.96 -2.80 -3.83
CA ALA A 38 4.90 -1.68 -3.89
C ALA A 38 4.58 -0.76 -5.06
N LEU A 39 4.16 -1.33 -6.19
CA LEU A 39 3.78 -0.50 -7.34
C LEU A 39 2.59 0.37 -7.01
N ALA A 40 1.51 -0.24 -6.51
CA ALA A 40 0.35 0.54 -6.10
C ALA A 40 0.73 1.61 -5.09
N ALA A 41 1.57 1.25 -4.11
CA ALA A 41 1.96 2.23 -3.09
C ALA A 41 2.70 3.42 -3.67
N SER A 42 3.28 3.30 -4.86
CA SER A 42 4.03 4.40 -5.44
C SER A 42 3.14 5.43 -6.11
N VAL A 43 1.85 5.17 -6.22
CA VAL A 43 0.96 6.08 -6.94
C VAL A 43 0.53 7.21 -6.02
N ASN A 44 0.57 8.43 -6.54
CA ASN A 44 0.34 9.61 -5.71
C ASN A 44 -1.00 9.50 -4.99
N GLY A 45 -1.00 9.79 -3.69
CA GLY A 45 -2.20 9.74 -2.88
C GLY A 45 -2.44 8.44 -2.15
N VAL A 46 -1.68 7.38 -2.43
CA VAL A 46 -1.96 6.08 -1.83
C VAL A 46 -1.40 6.03 -0.41
N ASP A 47 -2.27 5.71 0.55
CA ASP A 47 -1.89 5.60 1.95
C ASP A 47 -1.60 4.16 2.38
N SER A 48 -2.37 3.20 1.87
CA SER A 48 -2.23 1.79 2.27
C SER A 48 -2.66 0.89 1.12
N VAL A 49 -2.09 -0.31 1.10
CA VAL A 49 -2.43 -1.34 0.14
C VAL A 49 -2.59 -2.64 0.90
N GLU A 50 -3.60 -3.42 0.54
CA GLU A 50 -3.88 -4.68 1.20
C GLU A 50 -4.17 -5.75 0.16
N ILE A 51 -3.63 -6.96 0.37
CA ILE A 51 -3.94 -8.10 -0.48
C ILE A 51 -5.14 -8.82 0.10
N THR A 52 -6.15 -9.13 -0.74
CA THR A 52 -7.35 -9.82 -0.28
C THR A 52 -7.80 -10.84 -1.33
N GLY A 53 -8.89 -11.54 -1.00
CA GLY A 53 -9.44 -12.64 -1.79
C GLY A 53 -8.86 -13.97 -1.37
N GLU A 54 -9.69 -15.01 -1.48
CA GLU A 54 -9.23 -16.35 -1.10
C GLU A 54 -8.05 -16.79 -1.97
N ASP A 55 -7.95 -16.26 -3.19
CA ASP A 55 -6.84 -16.55 -4.09
C ASP A 55 -5.77 -15.46 -4.05
N LYS A 56 -5.84 -14.54 -3.08
CA LYS A 56 -4.87 -13.46 -2.91
C LYS A 56 -4.58 -12.75 -4.24
N ASP A 57 -5.64 -12.37 -4.95
CA ASP A 57 -5.54 -11.81 -6.30
C ASP A 57 -6.10 -10.39 -6.42
N ARG A 58 -6.47 -9.74 -5.31
CA ARG A 58 -7.03 -8.39 -5.32
C ARG A 58 -6.20 -7.48 -4.43
N LEU A 59 -5.92 -6.28 -4.94
CA LEU A 59 -5.31 -5.20 -4.17
C LEU A 59 -6.42 -4.26 -3.73
N VAL A 60 -6.44 -3.92 -2.44
CA VAL A 60 -7.31 -2.88 -1.92
C VAL A 60 -6.42 -1.68 -1.62
N VAL A 61 -6.60 -0.62 -2.39
CA VAL A 61 -5.77 0.58 -2.34
C VAL A 61 -6.60 1.69 -1.72
N VAL A 62 -6.10 2.29 -0.65
CA VAL A 62 -6.81 3.35 0.06
C VAL A 62 -5.96 4.61 0.06
N GLY A 63 -6.59 5.74 -0.24
CA GLY A 63 -5.93 7.02 -0.10
C GLY A 63 -6.85 8.15 -0.48
N ARG A 64 -6.26 9.31 -0.76
CA ARG A 64 -7.01 10.51 -1.08
C ARG A 64 -6.42 11.13 -2.34
N GLY A 65 -7.29 11.57 -3.26
CA GLY A 65 -6.83 12.11 -4.52
C GLY A 65 -6.15 11.11 -5.45
N ILE A 66 -6.50 9.83 -5.36
CA ILE A 66 -5.84 8.83 -6.20
C ILE A 66 -6.40 8.88 -7.63
N ASP A 67 -5.48 8.87 -8.61
CA ASP A 67 -5.82 8.76 -10.02
C ASP A 67 -5.99 7.30 -10.41
N PRO A 68 -7.22 6.80 -10.52
CA PRO A 68 -7.39 5.37 -10.77
C PRO A 68 -6.91 4.95 -12.15
N VAL A 69 -6.94 5.85 -13.13
CA VAL A 69 -6.41 5.53 -14.47
C VAL A 69 -4.93 5.20 -14.39
N ARG A 70 -4.15 6.04 -13.70
CA ARG A 70 -2.72 5.80 -13.60
C ARG A 70 -2.42 4.53 -12.80
N LEU A 71 -3.19 4.28 -11.75
CA LEU A 71 -2.99 3.08 -10.93
C LEU A 71 -3.18 1.81 -11.76
N VAL A 72 -4.27 1.71 -12.51
CA VAL A 72 -4.50 0.49 -13.28
C VAL A 72 -3.49 0.38 -14.42
N ALA A 73 -3.19 1.50 -15.09
CA ALA A 73 -2.24 1.45 -16.20
C ALA A 73 -0.89 0.91 -15.74
N LEU A 74 -0.43 1.36 -14.57
CA LEU A 74 0.87 0.92 -14.08
C LEU A 74 0.83 -0.56 -13.69
N LEU A 75 -0.21 -0.99 -12.98
CA LEU A 75 -0.31 -2.39 -12.61
C LEU A 75 -0.36 -3.27 -13.86
N ARG A 76 -1.10 -2.81 -14.87
CA ARG A 76 -1.28 -3.60 -16.08
C ARG A 76 0.03 -3.74 -16.85
N GLU A 77 0.87 -2.68 -16.87
CA GLU A 77 2.11 -2.74 -17.64
C GLU A 77 3.13 -3.69 -17.00
N LYS A 78 3.15 -3.78 -15.67
CA LYS A 78 4.17 -4.52 -14.95
C LYS A 78 3.74 -5.93 -14.57
N CYS A 79 2.44 -6.20 -14.53
CA CYS A 79 1.92 -7.52 -14.21
C CYS A 79 1.12 -8.14 -15.35
N GLY A 80 0.90 -7.42 -16.44
CA GLY A 80 0.15 -7.99 -17.54
C GLY A 80 -1.34 -7.76 -17.50
N LEU A 81 -2.00 -8.32 -16.48
CA LEU A 81 -3.45 -8.27 -16.30
C LEU A 81 -3.76 -7.52 -15.02
N ALA A 82 -4.56 -6.47 -15.13
CA ALA A 82 -5.08 -5.78 -13.96
C ALA A 82 -6.42 -5.21 -14.35
N GLU A 83 -7.45 -5.44 -13.54
CA GLU A 83 -8.75 -4.86 -13.87
C GLU A 83 -9.33 -4.19 -12.64
N LEU A 84 -9.87 -3.00 -12.87
CA LEU A 84 -10.51 -2.20 -11.84
C LEU A 84 -11.87 -2.80 -11.50
N LEU A 85 -12.05 -3.24 -10.24
CA LEU A 85 -13.34 -3.80 -9.87
C LEU A 85 -14.30 -2.74 -9.33
N MET A 86 -13.81 -1.83 -8.50
CA MET A 86 -14.72 -0.82 -7.97
C MET A 86 -13.90 0.32 -7.39
N VAL A 87 -14.53 1.48 -7.33
CA VAL A 87 -14.07 2.65 -6.58
C VAL A 87 -15.19 3.05 -5.63
N GLU A 88 -14.85 3.33 -4.37
CA GLU A 88 -15.86 3.57 -3.36
C GLU A 88 -15.34 4.55 -2.32
N LEU A 89 -16.25 5.30 -1.71
CA LEU A 89 -15.92 6.27 -0.68
C LEU A 89 -15.75 5.62 0.69
N VAL A 90 -15.03 6.32 1.56
CA VAL A 90 -15.02 5.98 2.99
C VAL A 90 -14.56 7.18 3.81
N ALA B 2 6.83 7.07 -6.85
CA ALA B 2 6.69 7.09 -5.40
C ALA B 2 6.60 8.53 -4.87
N TRP B 3 5.57 8.79 -4.06
CA TRP B 3 5.24 10.14 -3.64
C TRP B 3 5.60 10.43 -2.19
N LYS B 4 5.86 9.41 -1.38
CA LYS B 4 6.31 9.58 0.00
C LYS B 4 7.60 8.81 0.21
N ASP B 5 8.33 9.21 1.25
CA ASP B 5 9.71 8.74 1.45
C ASP B 5 9.79 7.24 1.72
N CYS B 6 8.82 6.69 2.47
CA CYS B 6 8.97 5.38 3.10
C CYS B 6 7.82 4.45 2.76
N ILE B 7 8.13 3.16 2.77
CA ILE B 7 7.16 2.07 2.71
C ILE B 7 7.27 1.28 4.01
N ILE B 8 6.14 1.07 4.68
CA ILE B 8 6.09 0.26 5.91
C ILE B 8 5.38 -1.04 5.58
N GLN B 9 6.05 -2.16 5.80
CA GLN B 9 5.44 -3.46 5.61
C GLN B 9 4.94 -4.00 6.94
N ARG B 10 3.79 -4.68 6.92
CA ARG B 10 3.21 -5.26 8.11
C ARG B 10 3.10 -6.76 7.95
N TYR B 11 3.82 -7.51 8.79
CA TYR B 11 3.82 -8.96 8.76
C TYR B 11 2.75 -9.46 9.73
N LYS B 12 1.81 -10.25 9.23
CA LYS B 12 0.84 -10.92 10.08
C LYS B 12 0.78 -12.37 9.69
N ASP B 13 0.86 -13.25 10.69
CA ASP B 13 0.74 -14.70 10.50
C ASP B 13 1.60 -15.20 9.35
N GLY B 14 2.83 -14.68 9.26
CA GLY B 14 3.82 -15.22 8.34
C GLY B 14 3.94 -14.54 7.00
N ASP B 15 3.07 -13.59 6.68
CA ASP B 15 3.07 -12.95 5.36
C ASP B 15 2.91 -11.45 5.50
N VAL B 16 3.31 -10.73 4.45
CA VAL B 16 3.04 -9.31 4.31
C VAL B 16 1.80 -9.19 3.44
N ASN B 17 0.66 -8.83 4.03
CA ASN B 17 -0.53 -8.55 3.24
C ASN B 17 -0.99 -7.10 3.41
N ASN B 18 -0.15 -6.25 4.02
CA ASN B 18 -0.47 -4.84 4.21
C ASN B 18 0.82 -4.04 4.10
N ILE B 19 0.81 -2.96 3.32
CA ILE B 19 1.89 -1.96 3.35
C ILE B 19 1.28 -0.56 3.43
N TYR B 20 2.07 0.37 3.97
CA TYR B 20 1.62 1.73 4.30
C TYR B 20 2.68 2.73 3.87
N THR B 21 2.27 3.87 3.31
CA THR B 21 3.23 4.90 2.92
C THR B 21 3.38 5.88 4.07
N ALA B 22 4.57 6.51 4.15
CA ALA B 22 4.86 7.47 5.21
C ALA B 22 6.07 8.32 4.81
N ASN B 23 6.08 9.56 5.29
CA ASN B 23 7.26 10.39 5.17
C ASN B 23 8.13 10.22 6.42
N ARG B 24 9.39 10.63 6.30
CA ARG B 24 10.27 10.63 7.47
C ARG B 24 9.67 11.49 8.58
N ASN B 25 9.75 10.99 9.82
CA ASN B 25 9.27 11.72 10.99
C ASN B 25 7.78 12.01 10.94
N GLU B 26 7.02 11.14 10.28
CA GLU B 26 5.58 11.25 10.23
C GLU B 26 4.97 10.29 11.25
N GLU B 27 3.90 10.71 11.90
CA GLU B 27 3.06 9.79 12.65
C GLU B 27 1.90 9.37 11.75
N ILE B 28 1.71 8.07 11.61
CA ILE B 28 0.60 7.54 10.83
C ILE B 28 -0.21 6.63 11.74
N THR B 29 -1.33 6.15 11.22
CA THR B 29 -2.15 5.18 11.95
C THR B 29 -2.27 3.93 11.11
N ILE B 30 -2.01 2.79 11.74
CA ILE B 30 -2.22 1.48 11.16
C ILE B 30 -3.30 0.83 11.99
N GLU B 31 -4.45 0.59 11.37
CA GLU B 31 -5.68 0.20 12.06
C GLU B 31 -5.96 1.31 13.07
N GLU B 32 -6.14 1.02 14.35
CA GLU B 32 -6.36 2.05 15.35
C GLU B 32 -5.07 2.42 16.08
N TYR B 33 -3.91 1.98 15.61
CA TYR B 33 -2.66 2.15 16.35
C TYR B 33 -1.84 3.30 15.79
N LYS B 34 -1.30 4.13 16.69
CA LYS B 34 -0.38 5.19 16.30
C LYS B 34 1.00 4.62 16.03
N VAL B 35 1.60 5.06 14.93
CA VAL B 35 2.93 4.60 14.54
C VAL B 35 3.76 5.82 14.17
N PHE B 36 4.98 5.89 14.69
CA PHE B 36 5.94 6.93 14.34
C PHE B 36 6.99 6.35 13.41
N VAL B 37 7.17 6.96 12.25
CA VAL B 37 8.19 6.56 11.29
C VAL B 37 9.30 7.60 11.37
N ASN B 38 10.51 7.17 11.77
CA ASN B 38 11.56 8.14 12.08
C ASN B 38 12.32 8.55 10.81
N GLU B 39 13.46 9.21 10.98
CA GLU B 39 14.18 9.81 9.85
C GLU B 39 14.89 8.77 8.99
N ALA B 40 15.00 7.53 9.45
CA ALA B 40 15.54 6.42 8.67
C ALA B 40 14.43 5.51 8.16
N CYS B 41 13.19 6.00 8.12
CA CYS B 41 12.03 5.23 7.68
C CYS B 41 11.76 4.01 8.57
N HIS B 42 12.23 4.01 9.85
CA HIS B 42 11.94 2.85 10.70
C HIS B 42 10.69 3.09 11.54
N PRO B 43 9.75 2.15 11.60
CA PRO B 43 8.50 2.38 12.31
C PRO B 43 8.57 1.96 13.77
N TYR B 44 7.78 2.66 14.61
CA TYR B 44 7.70 2.35 16.02
C TYR B 44 6.25 2.54 16.44
N PRO B 45 5.67 1.61 17.20
CA PRO B 45 6.38 0.44 17.73
C PRO B 45 6.62 -0.62 16.66
N VAL B 46 7.64 -1.45 16.88
CA VAL B 46 7.96 -2.53 15.94
C VAL B 46 6.92 -3.63 16.00
N ILE B 47 6.56 -4.04 17.23
CA ILE B 47 5.49 -4.99 17.47
C ILE B 47 4.22 -4.19 17.81
N LEU B 48 3.17 -4.37 17.02
CA LEU B 48 1.90 -3.74 17.31
C LEU B 48 1.17 -4.54 18.39
N PRO B 49 0.14 -3.97 19.02
CA PRO B 49 -0.56 -4.70 20.09
C PRO B 49 -1.21 -6.00 19.64
N ASP B 50 -1.54 -6.15 18.36
CA ASP B 50 -2.05 -7.41 17.85
C ASP B 50 -0.93 -8.38 17.46
N ARG B 51 0.32 -8.05 17.80
CA ARG B 51 1.51 -8.85 17.54
C ARG B 51 1.87 -8.94 16.06
N SER B 52 1.29 -8.09 15.20
CA SER B 52 1.88 -7.95 13.88
C SER B 52 3.15 -7.11 13.98
N VAL B 53 4.03 -7.26 12.99
CA VAL B 53 5.39 -6.74 13.06
C VAL B 53 5.60 -5.77 11.91
N LEU B 54 6.18 -4.62 12.20
CA LEU B 54 6.35 -3.56 11.23
C LEU B 54 7.81 -3.45 10.83
N SER B 55 8.03 -3.19 9.54
CA SER B 55 9.35 -3.06 8.95
C SER B 55 9.28 -1.93 7.92
N GLY B 56 10.29 -1.08 7.88
CA GLY B 56 10.22 0.09 7.03
C GLY B 56 11.50 0.32 6.26
N ASP B 57 11.37 0.97 5.10
CA ASP B 57 12.54 1.34 4.30
C ASP B 57 12.16 2.48 3.37
N PHE B 58 13.20 3.17 2.87
CA PHE B 58 13.01 4.12 1.79
C PHE B 58 12.45 3.41 0.55
N THR B 59 11.61 4.12 -0.20
CA THR B 59 11.17 3.57 -1.47
C THR B 59 12.33 3.53 -2.46
N SER B 60 12.19 2.68 -3.47
CA SER B 60 13.23 2.58 -4.49
C SER B 60 13.36 3.86 -5.31
N ALA B 61 12.40 4.78 -5.21
CA ALA B 61 12.51 6.13 -5.79
C ALA B 61 13.24 7.11 -4.87
N TYR B 62 14.16 6.61 -4.04
CA TYR B 62 15.10 7.38 -3.22
C TYR B 62 14.44 7.92 -1.95
N ALA B 63 15.21 8.70 -1.18
CA ALA B 63 14.78 9.17 0.14
C ALA B 63 13.69 10.22 0.07
#